data_4K61
#
_entry.id   4K61
#
_cell.length_a   86.773
_cell.length_b   86.773
_cell.length_c   85.633
_cell.angle_alpha   90.000
_cell.angle_beta   90.000
_cell.angle_gamma   90.000
#
_symmetry.space_group_name_H-M   'I 4'
#
loop_
_entity.id
_entity.type
_entity.pdbx_description
1 polymer 'Uncharacterized protein'
2 water water
#
_entity_poly.entity_id   1
_entity_poly.type   'polypeptide(L)'
_entity_poly.pdbx_seq_one_letter_code
;GDWAPADVQAALKK(MSE)YPTADGVAWSHDESYYVADFL(MSE)NGFDTKVWFDGQAQWV(MSE)QQTDWET(MSE)DE
VPPAVYNAFAASEYSGG(MSE)VQNVTWVQFPKWQSIVAVEVG(MSE)ANLQTKYQILFTPTGEIIRARNVTYTYNPLGA
ATFL
;
_entity_poly.pdbx_strand_id   A,B
#
# COMPACT_ATOMS: atom_id res chain seq x y z
N GLY A 1 -12.99 28.09 -13.95
CA GLY A 1 -12.88 29.08 -12.85
C GLY A 1 -12.31 28.43 -11.60
N ASP A 2 -12.36 29.15 -10.48
CA ASP A 2 -11.66 28.76 -9.25
C ASP A 2 -12.05 27.40 -8.65
N TRP A 3 -11.16 26.92 -7.80
CA TRP A 3 -11.31 25.66 -7.05
C TRP A 3 -11.31 24.36 -7.84
N ALA A 4 -12.20 24.21 -8.82
CA ALA A 4 -12.19 23.03 -9.70
C ALA A 4 -12.57 23.46 -11.13
N PRO A 5 -11.77 23.06 -12.15
CA PRO A 5 -12.08 23.41 -13.54
C PRO A 5 -13.40 22.81 -14.00
N ALA A 6 -13.96 23.38 -15.07
CA ALA A 6 -15.28 22.98 -15.56
C ALA A 6 -15.34 21.48 -15.96
N ASP A 7 -14.31 20.96 -16.62
CA ASP A 7 -14.31 19.53 -17.00
C ASP A 7 -14.25 18.56 -15.82
N VAL A 8 -13.61 18.97 -14.73
CA VAL A 8 -13.63 18.17 -13.48
C VAL A 8 -15.01 18.20 -12.82
N GLN A 9 -15.62 19.38 -12.75
CA GLN A 9 -16.97 19.48 -12.20
C GLN A 9 -17.94 18.67 -13.04
N ALA A 10 -17.75 18.69 -14.36
CA ALA A 10 -18.60 17.92 -15.28
C ALA A 10 -18.40 16.41 -15.11
N ALA A 11 -17.16 16.01 -14.86
CA ALA A 11 -16.86 14.58 -14.65
C ALA A 11 -17.54 14.03 -13.40
N LEU A 12 -17.61 14.85 -12.32
CA LEU A 12 -18.31 14.44 -11.10
C LEU A 12 -19.83 14.34 -11.36
N LYS A 13 -20.38 15.32 -12.07
CA LYS A 13 -21.81 15.36 -12.36
C LYS A 13 -22.21 14.15 -13.23
N LYS A 14 -21.32 13.74 -14.12
CA LYS A 14 -21.55 12.51 -14.88
C LYS A 14 -21.61 11.24 -14.02
N TYR A 16 -22.23 11.15 -10.75
CA TYR A 16 -23.27 11.35 -9.73
C TYR A 16 -24.16 12.50 -10.11
N PRO A 17 -25.18 12.23 -10.95
CA PRO A 17 -26.06 13.32 -11.38
C PRO A 17 -26.81 14.03 -10.28
N THR A 18 -26.99 13.39 -9.14
CA THR A 18 -27.68 14.04 -8.05
C THR A 18 -26.76 14.56 -6.95
N ALA A 19 -25.45 14.50 -7.14
CA ALA A 19 -24.55 15.11 -6.16
C ALA A 19 -24.77 16.61 -6.17
N ASP A 20 -24.84 17.19 -4.97
CA ASP A 20 -25.09 18.61 -4.81
C ASP A 20 -24.44 19.05 -3.49
N GLY A 21 -24.35 20.36 -3.25
CA GLY A 21 -23.70 20.83 -2.05
C GLY A 21 -22.23 20.45 -2.01
N VAL A 22 -21.64 20.32 -3.19
CA VAL A 22 -20.29 19.82 -3.28
C VAL A 22 -19.32 20.84 -2.71
N ALA A 23 -18.35 20.35 -1.94
CA ALA A 23 -17.22 21.17 -1.53
C ALA A 23 -15.95 20.68 -2.21
N TRP A 24 -15.25 21.57 -2.90
CA TRP A 24 -14.01 21.22 -3.61
C TRP A 24 -12.75 21.64 -2.85
N SER A 25 -11.76 20.78 -2.88
CA SER A 25 -10.45 21.06 -2.30
C SER A 25 -9.35 20.48 -3.19
N HIS A 26 -8.11 20.80 -2.85
CA HIS A 26 -6.93 20.35 -3.57
C HIS A 26 -6.14 19.42 -2.66
N ASP A 27 -5.60 18.33 -3.20
CA ASP A 27 -4.86 17.34 -2.40
C ASP A 27 -3.75 16.88 -3.31
N GLU A 28 -2.55 17.37 -2.99
CA GLU A 28 -1.39 17.32 -3.88
C GLU A 28 -1.76 17.54 -5.37
N SER A 29 -1.71 16.48 -6.17
CA SER A 29 -1.97 16.55 -7.61
C SER A 29 -3.46 16.52 -8.02
N TYR A 30 -4.39 16.47 -7.06
CA TYR A 30 -5.78 16.11 -7.34
C TYR A 30 -6.79 17.14 -6.85
N TYR A 31 -7.94 17.15 -7.51
CA TYR A 31 -9.11 17.87 -7.04
C TYR A 31 -9.93 16.89 -6.26
N VAL A 32 -10.44 17.33 -5.12
CA VAL A 32 -11.26 16.45 -4.30
C VAL A 32 -12.63 17.07 -4.13
N ALA A 33 -13.65 16.28 -4.53
CA ALA A 33 -15.05 16.61 -4.30
C ALA A 33 -15.53 15.92 -3.06
N ASP A 34 -16.14 16.70 -2.17
CA ASP A 34 -16.73 16.17 -0.96
C ASP A 34 -18.21 16.50 -1.00
N PHE A 35 -19.00 15.45 -0.81
CA PHE A 35 -20.43 15.57 -0.95
C PHE A 35 -21.10 14.40 -0.28
N LEU A 36 -22.39 14.58 -0.04
CA LEU A 36 -23.19 13.52 0.52
C LEU A 36 -23.81 12.63 -0.53
N ASN A 38 -26.56 9.48 -0.34
CA ASN A 38 -27.41 8.66 0.51
C ASN A 38 -27.05 8.74 1.97
N GLY A 39 -26.69 9.93 2.44
CA GLY A 39 -26.40 10.09 3.83
C GLY A 39 -24.99 9.75 4.27
N PHE A 40 -24.14 9.37 3.32
CA PHE A 40 -22.75 9.04 3.63
C PHE A 40 -21.87 10.08 2.99
N ASP A 41 -20.93 10.60 3.76
CA ASP A 41 -19.90 11.43 3.20
C ASP A 41 -19.10 10.65 2.16
N THR A 42 -18.94 11.25 1.00
CA THR A 42 -18.26 10.64 -0.15
C THR A 42 -17.26 11.62 -0.71
N LYS A 43 -16.06 11.13 -1.02
CA LYS A 43 -15.03 11.93 -1.58
C LYS A 43 -14.53 11.26 -2.83
N VAL A 44 -14.32 12.06 -3.86
CA VAL A 44 -13.82 11.53 -5.11
C VAL A 44 -12.65 12.40 -5.55
N TRP A 45 -11.56 11.73 -5.89
CA TRP A 45 -10.31 12.37 -6.32
C TRP A 45 -10.27 12.36 -7.83
N PHE A 46 -9.97 13.54 -8.43
CA PHE A 46 -9.82 13.63 -9.87
C PHE A 46 -8.43 14.13 -10.21
N ASP A 47 -7.83 13.55 -11.25
CA ASP A 47 -6.58 14.10 -11.76
C ASP A 47 -6.81 15.32 -12.68
N GLY A 48 -5.75 15.87 -13.22
CA GLY A 48 -5.85 17.01 -14.15
C GLY A 48 -6.60 16.75 -15.45
N GLN A 49 -6.76 15.48 -15.81
CA GLN A 49 -7.50 15.11 -17.01
C GLN A 49 -8.95 14.75 -16.67
N ALA A 50 -9.39 15.13 -15.48
CA ALA A 50 -10.75 14.88 -15.00
C ALA A 50 -11.10 13.40 -14.96
N GLN A 51 -10.11 12.55 -14.70
CA GLN A 51 -10.37 11.12 -14.52
C GLN A 51 -10.37 10.82 -13.02
N TRP A 52 -11.38 10.10 -12.56
CA TRP A 52 -11.42 9.76 -11.16
C TRP A 52 -10.39 8.68 -10.85
N VAL A 53 -9.68 8.88 -9.73
CA VAL A 53 -8.60 7.94 -9.36
C VAL A 53 -8.79 7.25 -8.00
N GLN A 55 -12.13 6.89 -4.77
CA GLN A 55 -13.32 7.32 -4.08
C GLN A 55 -13.30 6.75 -2.67
N GLN A 56 -13.77 7.54 -1.72
CA GLN A 56 -13.88 7.10 -0.36
C GLN A 56 -15.29 7.33 0.13
N THR A 57 -15.82 6.31 0.78
CA THR A 57 -17.10 6.44 1.49
C THR A 57 -16.85 6.30 2.98
N ASP A 58 -17.30 7.30 3.72
CA ASP A 58 -17.10 7.36 5.15
C ASP A 58 -18.18 6.57 5.81
N TRP A 59 -17.84 5.33 6.12
CA TRP A 59 -18.77 4.42 6.74
C TRP A 59 -19.01 4.74 8.20
N GLU A 60 -18.04 5.38 8.84
CA GLU A 60 -18.10 5.85 10.21
C GLU A 60 -17.96 4.75 11.28
N THR A 61 -18.66 3.63 11.11
CA THR A 61 -18.53 2.53 12.08
C THR A 61 -18.26 1.20 11.41
N ASP A 63 -20.00 -1.29 11.70
CA ASP A 63 -21.29 -1.86 11.28
C ASP A 63 -21.36 -2.13 9.78
N GLU A 64 -20.63 -1.34 9.01
CA GLU A 64 -20.68 -1.33 7.54
C GLU A 64 -19.69 -2.23 6.85
N VAL A 65 -18.75 -2.81 7.60
CA VAL A 65 -17.68 -3.57 6.97
C VAL A 65 -18.10 -5.01 6.73
N PRO A 66 -17.46 -5.68 5.76
CA PRO A 66 -17.69 -7.10 5.63
C PRO A 66 -17.38 -7.85 6.93
N PRO A 67 -18.18 -8.88 7.27
CA PRO A 67 -17.88 -9.72 8.41
C PRO A 67 -16.42 -10.19 8.50
N ALA A 68 -15.82 -10.58 7.37
CA ALA A 68 -14.43 -11.03 7.34
C ALA A 68 -13.49 -9.96 7.87
N VAL A 69 -13.76 -8.71 7.51
CA VAL A 69 -12.98 -7.58 7.99
C VAL A 69 -13.19 -7.34 9.47
N TYR A 70 -14.44 -7.37 9.93
CA TYR A 70 -14.75 -7.24 11.35
C TYR A 70 -14.00 -8.28 12.16
N ASN A 71 -14.12 -9.54 11.74
CA ASN A 71 -13.44 -10.62 12.44
C ASN A 71 -11.95 -10.47 12.43
N ALA A 72 -11.37 -10.04 11.33
CA ALA A 72 -9.93 -9.90 11.23
C ALA A 72 -9.45 -8.76 12.11
N PHE A 73 -10.21 -7.66 12.15
CA PHE A 73 -9.86 -6.55 13.02
C PHE A 73 -9.92 -6.99 14.48
N ALA A 74 -10.99 -7.67 14.86
CA ALA A 74 -11.21 -8.13 16.24
C ALA A 74 -10.11 -9.08 16.70
N ALA A 75 -9.58 -9.87 15.78
CA ALA A 75 -8.50 -10.80 16.09
C ALA A 75 -7.12 -10.15 16.14
N SER A 76 -6.98 -8.94 15.62
CA SER A 76 -5.69 -8.26 15.55
C SER A 76 -5.28 -7.54 16.84
N GLU A 77 -4.02 -7.13 16.91
CA GLU A 77 -3.51 -6.30 18.03
C GLU A 77 -4.27 -4.99 18.16
N TYR A 78 -4.77 -4.51 17.02
CA TYR A 78 -5.37 -3.19 16.97
C TYR A 78 -6.77 -3.10 17.61
N SER A 79 -7.35 -4.24 17.95
CA SER A 79 -8.66 -4.26 18.58
C SER A 79 -8.65 -3.68 19.99
N GLY A 80 -7.48 -3.53 20.61
CA GLY A 80 -7.35 -2.83 21.91
C GLY A 80 -7.57 -1.33 21.86
N GLY A 81 -7.74 -0.80 20.66
CA GLY A 81 -8.01 0.63 20.46
C GLY A 81 -9.46 1.01 20.29
N VAL A 83 -12.06 2.57 17.74
CA VAL A 83 -12.22 2.85 16.30
C VAL A 83 -12.67 4.29 16.11
N GLN A 84 -11.91 5.07 15.35
CA GLN A 84 -12.20 6.48 15.15
C GLN A 84 -12.61 6.83 13.74
N ASN A 85 -12.30 5.97 12.77
CA ASN A 85 -12.74 6.18 11.40
C ASN A 85 -12.75 4.86 10.67
N VAL A 86 -13.76 4.69 9.81
CA VAL A 86 -13.86 3.53 8.93
C VAL A 86 -14.25 4.04 7.53
N THR A 87 -13.40 3.72 6.55
CA THR A 87 -13.54 4.24 5.20
C THR A 87 -13.46 3.09 4.20
N TRP A 88 -14.41 3.08 3.28
CA TRP A 88 -14.38 2.21 2.11
C TRP A 88 -13.72 2.91 0.95
N VAL A 89 -12.58 2.39 0.56
CA VAL A 89 -11.74 3.02 -0.45
C VAL A 89 -11.82 2.22 -1.75
N GLN A 90 -12.22 2.90 -2.81
CA GLN A 90 -12.38 2.26 -4.12
C GLN A 90 -11.56 3.00 -5.18
N PHE A 91 -11.23 2.25 -6.21
CA PHE A 91 -10.32 2.67 -7.29
C PHE A 91 -10.85 2.16 -8.62
N PRO A 92 -10.49 2.83 -9.73
CA PRO A 92 -11.00 2.39 -10.99
C PRO A 92 -10.41 1.05 -11.42
N LYS A 93 -9.15 0.77 -11.05
CA LYS A 93 -8.48 -0.44 -11.55
C LYS A 93 -7.83 -1.32 -10.50
N TRP A 94 -7.96 -0.98 -9.22
CA TRP A 94 -7.36 -1.78 -8.14
C TRP A 94 -8.43 -2.28 -7.21
N GLN A 95 -8.06 -3.29 -6.40
CA GLN A 95 -8.98 -3.84 -5.37
C GLN A 95 -9.33 -2.79 -4.33
N SER A 96 -10.56 -2.87 -3.84
CA SER A 96 -11.00 -1.97 -2.77
C SER A 96 -10.31 -2.29 -1.44
N ILE A 97 -10.34 -1.31 -0.55
CA ILE A 97 -9.68 -1.40 0.76
C ILE A 97 -10.63 -0.89 1.82
N VAL A 98 -10.68 -1.57 2.98
CA VAL A 98 -11.29 -0.98 4.17
C VAL A 98 -10.17 -0.36 5.03
N ALA A 99 -10.24 0.95 5.22
CA ALA A 99 -9.23 1.64 6.01
C ALA A 99 -9.83 1.92 7.40
N VAL A 100 -9.17 1.39 8.42
CA VAL A 100 -9.65 1.56 9.79
C VAL A 100 -8.64 2.38 10.58
N GLU A 101 -9.10 3.42 11.26
CA GLU A 101 -8.22 4.21 12.13
CA GLU A 101 -8.22 4.22 12.14
C GLU A 101 -8.61 3.96 13.58
N VAL A 102 -7.62 3.63 14.41
CA VAL A 102 -7.84 3.43 15.84
C VAL A 102 -6.98 4.37 16.67
N GLY A 103 -7.53 4.77 17.81
CA GLY A 103 -6.81 5.52 18.85
C GLY A 103 -6.60 4.54 20.00
N ALA A 105 -5.31 3.12 23.97
CA ALA A 105 -5.58 3.39 25.39
C ALA A 105 -4.91 4.66 25.91
N ASN A 106 -3.61 4.79 25.66
CA ASN A 106 -2.85 5.99 26.07
C ASN A 106 -2.80 7.06 24.98
N LEU A 107 -3.99 7.33 24.47
CA LEU A 107 -4.39 8.64 24.00
C LEU A 107 -3.80 9.20 22.69
N GLN A 108 -2.54 9.59 22.62
CA GLN A 108 -2.04 10.31 21.43
CA GLN A 108 -2.10 10.32 21.41
C GLN A 108 -2.00 9.37 20.21
N THR A 109 -1.59 8.14 20.47
CA THR A 109 -1.26 7.21 19.40
C THR A 109 -2.41 6.80 18.48
N LYS A 110 -2.24 6.98 17.17
CA LYS A 110 -3.23 6.56 16.18
C LYS A 110 -2.60 5.61 15.15
N TYR A 111 -3.32 4.55 14.80
CA TYR A 111 -2.90 3.62 13.76
C TYR A 111 -3.94 3.57 12.66
N GLN A 112 -3.46 3.43 11.43
CA GLN A 112 -4.31 3.17 10.30
C GLN A 112 -4.01 1.77 9.76
N ILE A 113 -5.04 0.96 9.64
CA ILE A 113 -4.89 -0.41 9.17
C ILE A 113 -5.71 -0.59 7.90
N LEU A 114 -5.08 -1.13 6.85
CA LEU A 114 -5.70 -1.36 5.56
C LEU A 114 -5.98 -2.83 5.39
N PHE A 115 -7.26 -3.15 5.17
CA PHE A 115 -7.73 -4.49 4.97
C PHE A 115 -8.22 -4.68 3.53
N THR A 116 -8.01 -5.85 2.95
CA THR A 116 -8.75 -6.23 1.77
C THR A 116 -10.21 -6.52 2.18
N PRO A 117 -11.11 -6.61 1.20
CA PRO A 117 -12.51 -6.87 1.57
C PRO A 117 -12.72 -8.24 2.21
N THR A 118 -11.77 -9.16 2.05
CA THR A 118 -11.84 -10.47 2.70
C THR A 118 -11.06 -10.52 4.03
N GLY A 119 -10.57 -9.39 4.50
CA GLY A 119 -9.98 -9.27 5.83
C GLY A 119 -8.49 -9.49 5.99
N GLU A 120 -7.76 -9.58 4.87
CA GLU A 120 -6.33 -9.68 4.99
C GLU A 120 -5.77 -8.28 5.26
N ILE A 121 -4.85 -8.19 6.21
CA ILE A 121 -4.20 -6.92 6.47
C ILE A 121 -3.09 -6.72 5.46
N ILE A 122 -3.13 -5.62 4.70
CA ILE A 122 -2.11 -5.35 3.72
C ILE A 122 -1.08 -4.31 4.18
N ARG A 123 -1.45 -3.49 5.17
CA ARG A 123 -0.54 -2.46 5.67
CA ARG A 123 -0.54 -2.47 5.67
C ARG A 123 -1.10 -1.92 6.99
N ALA A 124 -0.21 -1.53 7.88
CA ALA A 124 -0.60 -0.79 9.09
C ALA A 124 0.48 0.24 9.35
N ARG A 125 0.07 1.42 9.79
CA ARG A 125 0.98 2.50 10.03
C ARG A 125 0.59 3.30 11.26
N ASN A 126 1.61 3.77 11.96
CA ASN A 126 1.41 4.76 13.00
C ASN A 126 1.21 6.08 12.30
N VAL A 127 0.01 6.62 12.41
CA VAL A 127 -0.34 7.87 11.72
C VAL A 127 -0.52 9.05 12.66
N THR A 128 -0.09 8.89 13.91
CA THR A 128 -0.19 9.93 14.94
C THR A 128 0.24 11.29 14.42
N TYR A 129 1.34 11.32 13.67
CA TYR A 129 1.93 12.58 13.23
C TYR A 129 1.81 12.76 11.72
N THR A 130 0.81 12.10 11.14
CA THR A 130 0.46 12.23 9.73
C THR A 130 -0.76 13.14 9.62
N TYR A 131 -0.62 14.20 8.83
CA TYR A 131 -1.64 15.23 8.71
C TYR A 131 -2.94 14.76 8.02
N ASN A 132 -2.80 14.09 6.87
CA ASN A 132 -3.96 13.70 6.05
C ASN A 132 -3.87 12.22 5.69
N PRO A 133 -4.02 11.35 6.69
CA PRO A 133 -3.76 9.91 6.52
C PRO A 133 -4.61 9.18 5.46
N LEU A 134 -5.80 9.69 5.17
CA LEU A 134 -6.62 9.14 4.07
C LEU A 134 -6.43 9.88 2.76
N GLY A 135 -5.50 10.83 2.75
CA GLY A 135 -5.16 11.54 1.53
C GLY A 135 -4.53 10.66 0.47
N ALA A 136 -4.35 11.27 -0.69
CA ALA A 136 -3.83 10.61 -1.89
C ALA A 136 -2.45 9.93 -1.73
N ALA A 137 -1.59 10.51 -0.90
CA ALA A 137 -0.23 10.01 -0.71
C ALA A 137 -0.22 8.57 -0.18
N THR A 138 -1.24 8.23 0.59
CA THR A 138 -1.40 6.88 1.17
C THR A 138 -1.65 5.83 0.12
N PHE A 139 -2.45 6.18 -0.88
CA PHE A 139 -2.98 5.17 -1.78
C PHE A 139 -2.47 5.22 -3.19
N LEU A 140 -2.13 6.40 -3.68
CA LEU A 140 -1.98 6.55 -5.14
C LEU A 140 -0.54 6.51 -5.65
N TRP B 3 28.21 -0.74 10.49
CA TRP B 3 27.10 0.25 10.71
C TRP B 3 25.70 -0.41 10.74
N ALA B 4 25.67 -1.60 11.34
CA ALA B 4 24.46 -2.18 11.94
C ALA B 4 24.81 -2.51 13.37
N PRO B 5 23.95 -2.09 14.34
CA PRO B 5 24.24 -2.39 15.74
C PRO B 5 24.24 -3.89 16.04
N ALA B 6 24.87 -4.26 17.14
CA ALA B 6 25.05 -5.65 17.51
C ALA B 6 23.73 -6.38 17.65
N ASP B 7 22.73 -5.75 18.27
CA ASP B 7 21.44 -6.42 18.46
C ASP B 7 20.70 -6.69 17.14
N VAL B 8 20.89 -5.81 16.15
CA VAL B 8 20.33 -6.04 14.82
C VAL B 8 21.05 -7.18 14.11
N GLN B 9 22.38 -7.20 14.19
CA GLN B 9 23.14 -8.30 13.59
C GLN B 9 22.75 -9.62 14.25
N ALA B 10 22.53 -9.60 15.57
CA ALA B 10 22.13 -10.81 16.32
C ALA B 10 20.74 -11.25 15.90
N ALA B 11 19.85 -10.29 15.66
CA ALA B 11 18.50 -10.63 15.25
C ALA B 11 18.52 -11.36 13.90
N LEU B 12 19.36 -10.90 12.97
CA LEU B 12 19.47 -11.57 11.65
C LEU B 12 20.04 -13.00 11.82
N LYS B 13 21.08 -13.12 12.64
CA LYS B 13 21.73 -14.41 12.84
CA LYS B 13 21.72 -14.42 12.85
C LYS B 13 20.74 -15.40 13.48
N LYS B 14 19.87 -14.91 14.36
CA LYS B 14 18.80 -15.75 14.89
C LYS B 14 17.80 -16.24 13.82
N TYR B 16 18.37 -16.40 10.53
CA TYR B 16 19.13 -17.11 9.50
C TYR B 16 20.53 -17.49 9.97
N PRO B 17 20.63 -18.62 10.71
CA PRO B 17 21.91 -18.98 11.29
C PRO B 17 22.95 -19.29 10.22
N THR B 18 22.54 -19.61 9.00
CA THR B 18 23.51 -19.95 7.95
C THR B 18 23.67 -18.83 6.92
N ALA B 19 23.11 -17.65 7.18
CA ALA B 19 23.42 -16.50 6.31
C ALA B 19 24.86 -16.13 6.46
N ASP B 20 25.52 -15.82 5.35
CA ASP B 20 26.87 -15.25 5.43
CA ASP B 20 26.88 -15.29 5.41
C ASP B 20 27.05 -14.29 4.28
N GLY B 21 28.17 -13.60 4.27
CA GLY B 21 28.39 -12.59 3.26
C GLY B 21 27.39 -11.45 3.32
N VAL B 22 26.92 -11.14 4.51
CA VAL B 22 25.89 -10.13 4.66
C VAL B 22 26.42 -8.73 4.37
N ALA B 23 25.70 -7.97 3.56
CA ALA B 23 25.99 -6.55 3.32
C ALA B 23 24.89 -5.71 3.96
N TRP B 24 25.28 -4.79 4.83
CA TRP B 24 24.32 -3.95 5.56
C TRP B 24 24.21 -2.56 4.93
N SER B 25 22.99 -2.04 4.90
CA SER B 25 22.74 -0.67 4.45
C SER B 25 21.62 -0.06 5.30
N HIS B 26 21.30 1.21 5.04
CA HIS B 26 20.13 1.76 5.70
CA HIS B 26 20.20 1.89 5.70
C HIS B 26 19.14 2.29 4.67
N ASP B 27 17.88 2.25 5.08
CA ASP B 27 16.78 2.67 4.24
C ASP B 27 15.81 3.39 5.16
N GLU B 28 15.78 4.73 5.06
CA GLU B 28 15.13 5.53 6.08
C GLU B 28 15.65 5.14 7.47
N SER B 29 14.76 4.85 8.41
CA SER B 29 15.16 4.48 9.78
C SER B 29 15.48 2.97 9.92
N TYR B 30 15.50 2.22 8.81
CA TYR B 30 15.65 0.77 8.89
C TYR B 30 17.05 0.35 8.51
N TYR B 31 17.52 -0.74 9.14
CA TYR B 31 18.75 -1.39 8.73
C TYR B 31 18.37 -2.49 7.76
N VAL B 32 19.11 -2.60 6.66
CA VAL B 32 18.79 -3.59 5.66
C VAL B 32 19.96 -4.54 5.50
N ALA B 33 19.68 -5.82 5.71
CA ALA B 33 20.63 -6.89 5.43
C ALA B 33 20.38 -7.47 4.05
N ASP B 34 21.46 -7.60 3.28
CA ASP B 34 21.39 -8.20 1.96
C ASP B 34 22.33 -9.40 1.92
N PHE B 35 21.81 -10.53 1.49
CA PHE B 35 22.54 -11.77 1.53
C PHE B 35 21.89 -12.79 0.61
N LEU B 36 22.66 -13.83 0.26
CA LEU B 36 22.08 -14.96 -0.47
C LEU B 36 21.48 -16.02 0.44
N ASN B 38 19.83 -19.81 -0.22
CA ASN B 38 19.53 -20.81 -1.23
C ASN B 38 19.64 -20.31 -2.66
N GLY B 39 20.62 -19.44 -2.92
CA GLY B 39 20.83 -18.92 -4.25
C GLY B 39 20.00 -17.74 -4.63
N PHE B 40 19.09 -17.30 -3.76
CA PHE B 40 18.21 -16.16 -4.06
C PHE B 40 18.64 -14.96 -3.23
N ASP B 41 18.76 -13.79 -3.87
CA ASP B 41 19.04 -12.56 -3.14
C ASP B 41 17.88 -12.29 -2.18
N THR B 42 18.25 -12.05 -0.93
CA THR B 42 17.29 -11.88 0.15
C THR B 42 17.66 -10.60 0.88
N LYS B 43 16.66 -9.79 1.16
CA LYS B 43 16.85 -8.57 1.96
C LYS B 43 15.89 -8.57 3.12
N VAL B 44 16.37 -8.15 4.28
CA VAL B 44 15.56 -8.10 5.49
C VAL B 44 15.72 -6.71 6.10
N TRP B 45 14.59 -6.06 6.41
CA TRP B 45 14.54 -4.75 7.04
C TRP B 45 14.32 -4.90 8.54
N PHE B 46 15.15 -4.25 9.33
CA PHE B 46 15.03 -4.21 10.80
C PHE B 46 14.79 -2.79 11.31
N ASP B 47 13.88 -2.65 12.25
CA ASP B 47 13.70 -1.34 12.92
C ASP B 47 14.73 -1.12 14.04
N GLY B 48 14.66 0.04 14.68
CA GLY B 48 15.60 0.41 15.74
C GLY B 48 15.55 -0.50 16.96
N GLN B 49 14.47 -1.26 17.11
CA GLN B 49 14.39 -2.26 18.18
C GLN B 49 14.81 -3.65 17.71
N ALA B 50 15.48 -3.74 16.58
CA ALA B 50 15.95 -5.02 16.00
C ALA B 50 14.82 -6.01 15.71
N GLN B 51 13.65 -5.47 15.38
CA GLN B 51 12.55 -6.31 14.94
C GLN B 51 12.48 -6.30 13.43
N TRP B 52 12.39 -7.48 12.82
CA TRP B 52 12.26 -7.49 11.36
C TRP B 52 10.88 -7.01 10.95
N VAL B 53 10.83 -6.16 9.93
CA VAL B 53 9.55 -5.58 9.47
C VAL B 53 9.21 -5.86 8.02
N GLN B 55 10.73 -8.54 4.56
CA GLN B 55 11.71 -9.32 3.83
C GLN B 55 11.36 -9.35 2.36
N GLN B 56 12.38 -9.34 1.52
CA GLN B 56 12.19 -9.49 0.07
C GLN B 56 13.08 -10.58 -0.49
N THR B 57 12.47 -11.43 -1.30
CA THR B 57 13.19 -12.44 -2.03
C THR B 57 13.11 -12.11 -3.52
N ASP B 58 14.27 -12.03 -4.14
CA ASP B 58 14.35 -11.70 -5.56
C ASP B 58 14.18 -12.95 -6.42
N TRP B 59 12.96 -13.14 -6.90
CA TRP B 59 12.58 -14.30 -7.67
C TRP B 59 13.07 -14.19 -9.10
N GLU B 60 13.25 -12.97 -9.58
CA GLU B 60 13.76 -12.68 -10.91
C GLU B 60 12.79 -12.98 -12.07
N THR B 61 12.13 -14.13 -12.08
CA THR B 61 11.15 -14.47 -13.14
C THR B 61 9.76 -14.90 -12.63
N ASP B 63 8.26 -17.49 -13.32
CA ASP B 63 8.30 -18.93 -12.99
C ASP B 63 7.99 -19.21 -11.52
N GLU B 64 8.37 -18.27 -10.66
CA GLU B 64 8.30 -18.45 -9.22
C GLU B 64 6.98 -18.02 -8.56
N VAL B 65 6.10 -17.33 -9.29
CA VAL B 65 4.91 -16.74 -8.67
C VAL B 65 3.75 -17.75 -8.57
N PRO B 66 2.79 -17.48 -7.67
CA PRO B 66 1.58 -18.31 -7.69
C PRO B 66 0.84 -18.24 -9.03
N PRO B 67 0.29 -19.39 -9.49
CA PRO B 67 -0.51 -19.40 -10.71
C PRO B 67 -1.55 -18.28 -10.81
N ALA B 68 -2.25 -18.01 -9.71
CA ALA B 68 -3.25 -16.92 -9.69
C ALA B 68 -2.63 -15.59 -10.08
N VAL B 69 -1.41 -15.34 -9.60
CA VAL B 69 -0.70 -14.11 -9.92
C VAL B 69 -0.29 -14.08 -11.39
N TYR B 70 0.28 -15.17 -11.87
CA TYR B 70 0.64 -15.28 -13.28
C TYR B 70 -0.58 -15.00 -14.16
N ASN B 71 -1.68 -15.67 -13.87
CA ASN B 71 -2.90 -15.49 -14.63
C ASN B 71 -3.44 -14.07 -14.58
N ALA B 72 -3.39 -13.45 -13.41
CA ALA B 72 -3.85 -12.08 -13.27
C ALA B 72 -2.95 -11.11 -14.02
N PHE B 73 -1.64 -11.35 -13.99
CA PHE B 73 -0.71 -10.50 -14.71
C PHE B 73 -0.98 -10.62 -16.22
N ALA B 74 -1.10 -11.85 -16.70
CA ALA B 74 -1.36 -12.14 -18.12
C ALA B 74 -2.67 -11.51 -18.63
N ALA B 75 -3.67 -11.41 -17.76
CA ALA B 75 -4.96 -10.78 -18.08
C ALA B 75 -4.98 -9.25 -17.93
N SER B 76 -3.94 -8.67 -17.35
CA SER B 76 -3.89 -7.22 -17.14
C SER B 76 -3.34 -6.42 -18.34
N GLU B 77 -3.49 -5.09 -18.29
CA GLU B 77 -2.93 -4.19 -19.30
C GLU B 77 -1.41 -4.34 -19.40
N TYR B 78 -0.80 -4.75 -18.30
CA TYR B 78 0.65 -4.77 -18.18
C TYR B 78 1.30 -5.97 -18.88
N SER B 79 0.49 -6.93 -19.35
CA SER B 79 0.94 -8.21 -20.00
C SER B 79 1.86 -8.07 -21.18
N GLY B 80 1.69 -6.98 -21.93
CA GLY B 80 2.51 -6.70 -23.08
C GLY B 80 3.94 -6.30 -22.77
N GLY B 81 4.21 -5.85 -21.53
CA GLY B 81 5.52 -5.36 -21.18
C GLY B 81 6.49 -6.49 -20.94
N VAL B 83 8.83 -8.33 -18.47
CA VAL B 83 9.01 -8.44 -17.04
C VAL B 83 10.49 -8.26 -16.73
N GLN B 84 10.82 -7.28 -15.88
CA GLN B 84 12.20 -6.98 -15.56
C GLN B 84 12.59 -7.37 -14.17
N ASN B 85 11.61 -7.56 -13.29
CA ASN B 85 11.90 -7.99 -11.94
C ASN B 85 10.64 -8.56 -11.31
N VAL B 86 10.84 -9.55 -10.46
CA VAL B 86 9.78 -10.15 -9.69
C VAL B 86 10.32 -10.35 -8.27
N THR B 87 9.61 -9.83 -7.29
CA THR B 87 10.05 -9.85 -5.90
C THR B 87 8.91 -10.33 -5.01
N TRP B 88 9.22 -11.28 -4.12
CA TRP B 88 8.29 -11.73 -3.11
C TRP B 88 8.52 -10.94 -1.83
N VAL B 89 7.51 -10.18 -1.42
CA VAL B 89 7.60 -9.27 -0.28
C VAL B 89 6.77 -9.79 0.88
N GLN B 90 7.44 -10.00 2.00
CA GLN B 90 6.85 -10.60 3.19
C GLN B 90 7.02 -9.72 4.42
N PHE B 91 6.08 -9.91 5.37
CA PHE B 91 5.95 -9.07 6.55
C PHE B 91 5.61 -9.98 7.75
N PRO B 92 5.96 -9.55 8.95
CA PRO B 92 5.68 -10.40 10.11
C PRO B 92 4.18 -10.57 10.37
N LYS B 93 3.38 -9.54 10.09
CA LYS B 93 1.95 -9.59 10.45
C LYS B 93 0.99 -9.22 9.34
N TRP B 94 1.47 -9.00 8.13
CA TRP B 94 0.63 -8.61 7.03
C TRP B 94 0.74 -9.61 5.94
N GLN B 95 -0.21 -9.54 5.02
CA GLN B 95 -0.18 -10.40 3.84
C GLN B 95 1.00 -10.10 2.92
N SER B 96 1.52 -11.15 2.30
CA SER B 96 2.61 -11.01 1.36
C SER B 96 2.14 -10.32 0.09
N ILE B 97 3.12 -9.86 -0.71
CA ILE B 97 2.88 -9.17 -1.98
C ILE B 97 3.84 -9.71 -3.04
N VAL B 98 3.34 -9.95 -4.26
CA VAL B 98 4.23 -10.12 -5.40
C VAL B 98 4.38 -8.77 -6.10
N ALA B 99 5.61 -8.25 -6.10
CA ALA B 99 5.91 -6.99 -6.79
C ALA B 99 6.50 -7.31 -8.16
N VAL B 100 5.81 -6.88 -9.20
CA VAL B 100 6.26 -7.13 -10.58
C VAL B 100 6.63 -5.81 -11.24
N GLU B 101 7.84 -5.76 -11.82
CA GLU B 101 8.26 -4.60 -12.58
CA GLU B 101 8.28 -4.60 -12.57
C GLU B 101 8.29 -4.94 -14.07
N VAL B 102 7.63 -4.11 -14.88
CA VAL B 102 7.64 -4.28 -16.33
C VAL B 102 8.15 -3.06 -17.04
N GLY B 103 8.83 -3.31 -18.16
CA GLY B 103 9.25 -2.27 -19.10
C GLY B 103 8.38 -2.42 -20.32
N ALA B 105 7.36 -1.65 -24.38
CA ALA B 105 8.08 -1.64 -25.68
C ALA B 105 8.81 -0.32 -25.94
N ASN B 106 8.11 0.79 -25.73
CA ASN B 106 8.67 2.12 -25.96
C ASN B 106 9.81 2.48 -24.99
N LEU B 107 10.92 1.74 -25.03
CA LEU B 107 12.20 2.14 -24.44
C LEU B 107 12.17 2.41 -22.91
N GLN B 108 11.65 3.56 -22.47
CA GLN B 108 11.93 4.08 -21.12
C GLN B 108 10.94 3.71 -20.01
N THR B 109 9.65 3.63 -20.33
CA THR B 109 8.59 3.50 -19.30
C THR B 109 8.64 2.20 -18.49
N LYS B 110 8.63 2.33 -17.15
CA LYS B 110 8.58 1.18 -16.25
C LYS B 110 7.40 1.30 -15.26
N TYR B 111 6.70 0.19 -15.02
CA TYR B 111 5.61 0.13 -14.05
C TYR B 111 5.92 -0.92 -13.00
N GLN B 112 5.48 -0.64 -11.77
CA GLN B 112 5.51 -1.60 -10.69
C GLN B 112 4.09 -1.93 -10.29
N ILE B 113 3.75 -3.22 -10.32
CA ILE B 113 2.41 -3.71 -10.01
C ILE B 113 2.53 -4.61 -8.78
N LEU B 114 1.70 -4.33 -7.79
CA LEU B 114 1.64 -5.11 -6.56
C LEU B 114 0.40 -6.01 -6.53
N PHE B 115 0.64 -7.30 -6.39
CA PHE B 115 -0.40 -8.31 -6.38
C PHE B 115 -0.45 -8.95 -5.00
N THR B 116 -1.66 -9.29 -4.55
CA THR B 116 -1.82 -10.22 -3.46
C THR B 116 -1.41 -11.60 -3.99
N PRO B 117 -1.19 -12.56 -3.08
CA PRO B 117 -0.83 -13.89 -3.55
C PRO B 117 -1.94 -14.61 -4.33
N THR B 118 -3.17 -14.15 -4.23
CA THR B 118 -4.27 -14.71 -5.01
C THR B 118 -4.55 -13.90 -6.29
N GLY B 119 -3.68 -12.96 -6.61
CA GLY B 119 -3.70 -12.25 -7.88
C GLY B 119 -4.48 -10.95 -8.00
N GLU B 120 -4.95 -10.42 -6.88
CA GLU B 120 -5.67 -9.14 -6.93
C GLU B 120 -4.64 -8.02 -6.98
N ILE B 121 -4.88 -7.04 -7.84
CA ILE B 121 -3.97 -5.92 -7.94
C ILE B 121 -4.34 -4.90 -6.89
N ILE B 122 -3.39 -4.58 -6.02
CA ILE B 122 -3.67 -3.65 -4.93
C ILE B 122 -3.12 -2.24 -5.26
N ARG B 123 -2.15 -2.17 -6.15
CA ARG B 123 -1.58 -0.89 -6.56
C ARG B 123 -0.74 -1.07 -7.83
N ALA B 124 -0.69 -0.03 -8.64
CA ALA B 124 0.24 0.03 -9.76
C ALA B 124 0.76 1.44 -9.90
N ARG B 125 2.05 1.57 -10.23
CA ARG B 125 2.72 2.88 -10.29
CA ARG B 125 2.60 2.91 -10.42
C ARG B 125 3.73 2.97 -11.42
N ASN B 126 3.87 4.16 -12.01
CA ASN B 126 4.91 4.44 -12.97
C ASN B 126 6.20 4.70 -12.20
N VAL B 127 7.19 3.83 -12.34
CA VAL B 127 8.44 3.92 -11.57
C VAL B 127 9.65 4.21 -12.44
N THR B 128 9.40 4.71 -13.65
CA THR B 128 10.42 5.13 -14.62
C THR B 128 11.57 5.92 -14.01
N TYR B 129 11.23 6.87 -13.15
CA TYR B 129 12.24 7.75 -12.59
C TYR B 129 12.49 7.45 -11.11
N THR B 130 12.06 6.28 -10.64
CA THR B 130 12.15 5.97 -9.22
C THR B 130 13.39 5.14 -8.98
N TYR B 131 14.28 5.64 -8.12
CA TYR B 131 15.57 4.99 -7.88
C TYR B 131 15.44 3.68 -7.09
N ASN B 132 14.62 3.67 -6.03
CA ASN B 132 14.51 2.48 -5.16
C ASN B 132 13.04 2.10 -4.97
N PRO B 133 12.40 1.61 -6.05
CA PRO B 133 10.95 1.33 -6.03
C PRO B 133 10.54 0.25 -5.01
N LEU B 134 11.47 -0.61 -4.61
CA LEU B 134 11.18 -1.65 -3.61
C LEU B 134 11.54 -1.25 -2.16
N GLY B 135 11.92 0.01 -1.95
CA GLY B 135 12.32 0.46 -0.61
C GLY B 135 11.16 0.54 0.34
N ALA B 136 11.48 0.77 1.61
CA ALA B 136 10.51 0.81 2.70
C ALA B 136 9.32 1.76 2.47
N ALA B 137 9.56 2.87 1.78
CA ALA B 137 8.51 3.89 1.54
C ALA B 137 7.31 3.33 0.78
N THR B 138 7.57 2.33 -0.06
CA THR B 138 6.54 1.70 -0.86
C THR B 138 5.59 0.88 0.03
N PHE B 139 6.13 0.25 1.07
CA PHE B 139 5.39 -0.78 1.80
C PHE B 139 5.08 -0.50 3.26
N LEU B 140 5.91 0.26 3.93
CA LEU B 140 5.83 0.39 5.39
C LEU B 140 5.26 1.72 5.85
#